data_8CDZ
#
_entry.id   8CDZ
#
_cell.length_a   62.240
_cell.length_b   71.510
_cell.length_c   121.760
_cell.angle_alpha   90.000
_cell.angle_beta   90.000
_cell.angle_gamma   90.000
#
_symmetry.space_group_name_H-M   'P 21 21 21'
#
loop_
_entity.id
_entity.type
_entity.pdbx_description
1 polymer 'Carbonic anhydrase 1'
2 non-polymer 'DIMETHYL SULFOXIDE'
3 non-polymer 'ZINC ION'
4 non-polymer 1-butyl-3-(4-sulfamoylphenyl)urea
5 water water
#
_entity_poly.entity_id   1
_entity_poly.type   'polypeptide(L)'
_entity_poly.pdbx_seq_one_letter_code
;MASPDWGYDDKNGPEQWSKLYPIANGNNQSPVDIKTSETKHDTSLKPISVSYNPATAKEIINVGHSFHVNFEDNDNRSVL
KGGPFSDSYRLFQFHFHWGSTNEHGSEHTVDGVKYSAELHVAHWNSAKYSSLAEAASKADGLAVIGVLMKVGEANPKLQK
VLDALQAIKTKGKRAPFTNFDPSTLLPSSLDFWTYPGSLTHPPLYESVTWIICKESISVSSEQLAQFRSLLSNVEGDNAV
PMQHNNRPTQPLKGRTVRASF
;
_entity_poly.pdbx_strand_id   AAA,BBB
#
loop_
_chem_comp.id
_chem_comp.type
_chem_comp.name
_chem_comp.formula
DMS non-polymer 'DIMETHYL SULFOXIDE' 'C2 H6 O S'
U7M non-polymer 1-butyl-3-(4-sulfamoylphenyl)urea 'C11 H17 N3 O3 S'
ZN non-polymer 'ZINC ION' 'Zn 2'
#
# COMPACT_ATOMS: atom_id res chain seq x y z
N ASP A 5 -5.79 20.92 9.11
CA ASP A 5 -5.37 22.23 8.55
C ASP A 5 -3.91 22.11 8.14
N TRP A 6 -3.02 21.61 9.02
CA TRP A 6 -1.59 21.40 8.63
C TRP A 6 -1.40 19.99 8.09
N GLY A 7 -0.37 19.77 7.29
CA GLY A 7 0.02 18.43 6.80
C GLY A 7 1.42 18.43 6.28
N TYR A 8 1.67 17.60 5.28
CA TYR A 8 2.99 17.49 4.63
C TYR A 8 2.90 17.82 3.14
N ASP A 9 1.74 18.17 2.60
CA ASP A 9 1.64 18.44 1.14
C ASP A 9 2.06 19.89 0.86
N ASP A 10 2.05 20.29 -0.40
CA ASP A 10 2.69 21.58 -0.81
C ASP A 10 2.02 22.76 -0.10
N LYS A 11 0.71 22.75 0.01
CA LYS A 11 -0.02 23.95 0.51
C LYS A 11 0.01 24.00 2.03
N ASN A 12 0.09 22.84 2.72
CA ASN A 12 -0.11 22.83 4.20
C ASN A 12 1.13 22.30 4.93
N GLY A 13 2.27 22.16 4.22
CA GLY A 13 3.42 21.41 4.70
C GLY A 13 4.42 22.27 5.46
N PRO A 14 5.59 21.68 5.79
CA PRO A 14 6.64 22.35 6.55
C PRO A 14 6.99 23.78 6.15
N GLU A 15 7.09 24.09 4.86
CA GLU A 15 7.58 25.42 4.42
C GLU A 15 6.50 26.46 4.67
N GLN A 16 5.30 26.02 5.11
CA GLN A 16 4.11 26.88 5.33
C GLN A 16 3.65 26.91 6.79
N TRP A 17 4.15 26.02 7.63
CA TRP A 17 3.70 25.89 9.04
C TRP A 17 3.86 27.22 9.78
N SER A 18 4.84 28.04 9.43
CA SER A 18 5.10 29.31 10.18
C SER A 18 3.88 30.26 10.15
N LYS A 19 2.99 30.15 9.15
CA LYS A 19 1.84 31.10 9.04
C LYS A 19 0.89 30.90 10.23
N LEU A 20 0.66 29.65 10.62
CA LEU A 20 -0.25 29.27 11.73
C LEU A 20 0.57 29.08 13.01
N TYR A 21 1.84 28.69 12.89
CA TYR A 21 2.70 28.35 14.05
C TYR A 21 4.00 29.12 13.93
N PRO A 22 4.07 30.39 14.38
CA PRO A 22 5.29 31.19 14.16
C PRO A 22 6.56 30.62 14.83
N ILE A 23 6.39 29.77 15.87
CA ILE A 23 7.54 29.12 16.57
C ILE A 23 8.32 28.28 15.53
N ALA A 24 7.72 27.96 14.39
CA ALA A 24 8.41 27.23 13.31
C ALA A 24 9.75 27.86 12.96
N ASN A 25 9.85 29.19 13.06
CA ASN A 25 11.06 30.00 12.78
C ASN A 25 11.81 30.35 14.07
N GLY A 26 11.64 29.55 15.14
CA GLY A 26 12.22 29.74 16.48
C GLY A 26 13.69 29.30 16.56
N ASN A 27 14.27 29.42 17.76
CA ASN A 27 15.72 29.20 18.00
C ASN A 27 15.97 27.79 18.48
N ASN A 28 14.92 26.96 18.70
CA ASN A 28 15.09 25.60 19.25
C ASN A 28 14.23 24.62 18.44
N GLN A 29 14.28 24.74 17.11
CA GLN A 29 13.51 23.88 16.22
C GLN A 29 14.23 22.58 15.86
N SER A 30 13.42 21.56 15.68
CA SER A 30 13.89 20.19 15.35
C SER A 30 13.23 19.72 14.09
N PRO A 31 13.80 18.75 13.34
CA PRO A 31 15.13 18.15 13.58
C PRO A 31 16.28 19.04 13.16
N VAL A 32 17.48 18.50 13.35
CA VAL A 32 18.73 19.19 12.95
C VAL A 32 19.62 18.18 12.23
N ASP A 33 20.62 18.74 11.56
CA ASP A 33 21.79 18.02 11.00
C ASP A 33 22.84 17.97 12.09
N ILE A 34 23.21 16.76 12.51
CA ILE A 34 24.28 16.56 13.54
C ILE A 34 25.62 16.58 12.78
N LYS A 35 26.41 17.65 12.90
CA LYS A 35 27.78 17.65 12.31
C LYS A 35 28.76 17.12 13.36
N THR A 36 29.36 15.93 13.17
CA THR A 36 30.10 15.23 14.26
C THR A 36 31.37 16.00 14.61
N SER A 37 31.86 16.85 13.70
CA SER A 37 33.06 17.69 13.93
C SER A 37 32.76 18.88 14.86
N GLU A 38 31.49 19.19 15.10
CA GLU A 38 30.99 20.32 15.90
C GLU A 38 30.36 19.82 17.21
N THR A 39 30.25 18.52 17.46
CA THR A 39 29.66 18.00 18.73
C THR A 39 30.65 18.16 19.88
N LYS A 40 30.12 18.31 21.09
CA LYS A 40 30.97 18.38 22.28
C LYS A 40 30.76 17.16 23.16
N HIS A 41 31.82 16.36 23.40
CA HIS A 41 31.79 15.25 24.37
C HIS A 41 31.53 15.89 25.71
N ASP A 42 30.58 15.33 26.45
CA ASP A 42 30.22 15.80 27.79
C ASP A 42 30.41 14.64 28.76
N THR A 43 31.43 14.76 29.65
CA THR A 43 31.83 13.74 30.66
C THR A 43 30.72 13.51 31.72
N SER A 44 29.82 14.49 31.92
CA SER A 44 28.72 14.42 32.92
C SER A 44 27.52 13.61 32.39
N LEU A 45 27.45 13.27 31.10
CA LEU A 45 26.29 12.48 30.56
C LEU A 45 26.34 11.03 31.02
N LYS A 46 25.29 10.61 31.69
CA LYS A 46 25.12 9.24 32.22
C LYS A 46 24.55 8.35 31.14
N PRO A 47 24.71 7.02 31.23
CA PRO A 47 24.08 6.13 30.27
C PRO A 47 22.55 6.31 30.33
N ILE A 48 21.93 6.17 29.17
CA ILE A 48 20.45 6.08 29.01
C ILE A 48 19.98 4.83 29.72
N SER A 49 18.93 4.97 30.56
CA SER A 49 18.28 3.84 31.26
C SER A 49 16.83 3.78 30.76
N VAL A 50 16.44 2.74 30.04
CA VAL A 50 14.99 2.54 29.73
C VAL A 50 14.51 1.28 30.41
N SER A 51 13.32 1.40 31.02
CA SER A 51 12.66 0.26 31.66
C SER A 51 11.18 0.37 31.34
N TYR A 52 10.73 -0.34 30.33
CA TYR A 52 9.32 -0.32 29.91
C TYR A 52 8.64 -1.63 30.23
N ASN A 53 7.41 -1.52 30.69
CA ASN A 53 6.56 -2.67 31.05
C ASN A 53 5.64 -2.92 29.85
N PRO A 54 5.66 -4.13 29.23
CA PRO A 54 4.85 -4.36 28.03
C PRO A 54 3.33 -4.22 28.30
N ALA A 55 2.90 -4.32 29.55
CA ALA A 55 1.48 -4.22 29.92
C ALA A 55 1.00 -2.77 29.80
N THR A 56 1.91 -1.82 29.60
CA THR A 56 1.49 -0.41 29.40
C THR A 56 1.09 -0.14 27.94
N ALA A 57 1.36 -1.02 27.01
CA ALA A 57 0.95 -0.77 25.62
C ALA A 57 -0.59 -0.72 25.59
N LYS A 58 -1.14 0.25 24.87
CA LYS A 58 -2.61 0.55 24.90
C LYS A 58 -3.25 0.38 23.52
N GLU A 59 -2.85 1.19 22.55
CA GLU A 59 -3.66 1.42 21.36
C GLU A 59 -2.78 1.89 20.21
N ILE A 60 -3.18 1.60 19.01
CA ILE A 60 -2.57 2.11 17.77
C ILE A 60 -3.62 2.90 16.99
N ILE A 61 -3.24 4.08 16.52
CA ILE A 61 -4.17 5.10 16.00
C ILE A 61 -3.62 5.62 14.68
N ASN A 62 -4.45 5.62 13.64
CA ASN A 62 -4.19 6.37 12.40
C ASN A 62 -4.54 7.82 12.60
N VAL A 63 -3.54 8.70 12.63
CA VAL A 63 -3.71 10.14 12.91
C VAL A 63 -3.67 10.96 11.63
N GLY A 64 -3.82 10.32 10.49
CA GLY A 64 -3.98 11.03 9.21
C GLY A 64 -2.65 11.32 8.54
N HIS A 65 -1.69 11.85 9.27
CA HIS A 65 -0.34 12.14 8.73
C HIS A 65 0.63 11.00 9.08
N SER A 66 0.26 10.15 10.02
CA SER A 66 1.14 9.11 10.58
C SER A 66 0.28 8.13 11.34
N PHE A 67 0.87 7.29 12.13
CA PHE A 67 0.21 6.41 13.12
C PHE A 67 0.98 6.50 14.42
N HIS A 68 0.26 6.42 15.51
CA HIS A 68 0.83 6.51 16.87
C HIS A 68 0.52 5.23 17.62
N VAL A 69 1.47 4.73 18.38
CA VAL A 69 1.25 3.63 19.33
C VAL A 69 1.35 4.26 20.71
N ASN A 70 0.23 4.29 21.41
CA ASN A 70 0.14 4.92 22.74
C ASN A 70 0.24 3.93 23.86
N PHE A 71 0.68 4.45 25.01
CA PHE A 71 0.91 3.67 26.26
C PHE A 71 0.11 4.31 27.38
N GLU A 72 -0.34 3.49 28.29
CA GLU A 72 -0.93 3.96 29.56
C GLU A 72 0.17 4.75 30.27
N ASP A 73 -0.14 5.94 30.72
CA ASP A 73 0.85 6.82 31.36
C ASP A 73 0.32 7.35 32.70
N ASN A 74 -0.38 6.49 33.44
CA ASN A 74 -0.96 6.85 34.76
C ASN A 74 0.10 6.66 35.88
N ASP A 75 1.19 5.93 35.64
CA ASP A 75 2.16 5.62 36.71
C ASP A 75 3.54 5.41 36.07
N ASN A 76 4.53 5.03 36.87
CA ASN A 76 5.94 4.94 36.43
C ASN A 76 6.33 3.50 36.07
N ARG A 77 5.41 2.72 35.51
CA ARG A 77 5.73 1.36 35.04
C ARG A 77 6.74 1.46 33.89
N SER A 78 6.71 2.53 33.07
CA SER A 78 7.52 2.58 31.84
C SER A 78 8.25 3.91 31.81
N VAL A 79 9.54 3.87 32.06
CA VAL A 79 10.30 5.13 32.31
C VAL A 79 11.62 5.15 31.57
N LEU A 80 12.04 6.39 31.33
CA LEU A 80 13.36 6.78 30.81
C LEU A 80 14.05 7.59 31.88
N LYS A 81 15.28 7.21 32.19
CA LYS A 81 16.15 7.94 33.13
C LYS A 81 17.55 8.06 32.50
N GLY A 82 18.40 8.80 33.20
CA GLY A 82 19.83 8.83 32.86
C GLY A 82 20.09 9.83 31.76
N GLY A 83 21.13 9.59 30.98
CA GLY A 83 21.59 10.53 29.94
C GLY A 83 21.77 11.90 30.55
N PRO A 84 21.16 12.96 29.98
CA PRO A 84 21.29 14.32 30.50
C PRO A 84 20.27 14.66 31.57
N PHE A 85 19.42 13.73 31.99
CA PHE A 85 18.25 14.03 32.85
C PHE A 85 18.55 13.74 34.32
N SER A 86 17.99 14.58 35.18
CA SER A 86 17.89 14.36 36.62
C SER A 86 16.52 13.79 36.97
N ASP A 87 15.52 14.06 36.15
CA ASP A 87 14.12 13.65 36.33
C ASP A 87 13.83 12.32 35.63
N SER A 88 12.81 11.59 36.07
CA SER A 88 12.26 10.39 35.43
C SER A 88 11.23 10.83 34.36
N TYR A 89 11.28 10.28 33.16
CA TYR A 89 10.32 10.59 32.08
C TYR A 89 9.51 9.36 31.73
N ARG A 90 8.19 9.56 31.69
CA ARG A 90 7.20 8.49 31.52
C ARG A 90 6.91 8.29 30.03
N LEU A 91 7.11 7.06 29.56
CA LEU A 91 6.75 6.65 28.17
C LEU A 91 5.29 6.96 27.90
N PHE A 92 5.02 7.57 26.77
CA PHE A 92 3.59 7.74 26.36
C PHE A 92 3.30 7.32 24.93
N GLN A 93 4.28 7.24 24.03
CA GLN A 93 4.01 6.90 22.62
C GLN A 93 5.30 6.54 21.89
N PHE A 94 5.17 5.77 20.83
CA PHE A 94 6.19 5.78 19.79
C PHE A 94 5.50 5.88 18.46
N HIS A 95 6.28 6.34 17.49
CA HIS A 95 5.84 6.49 16.09
C HIS A 95 7.05 6.56 15.18
N PHE A 96 6.80 6.66 13.90
CA PHE A 96 7.86 6.71 12.86
C PHE A 96 7.67 7.92 11.97
N HIS A 97 8.73 8.30 11.28
CA HIS A 97 8.67 9.19 10.13
C HIS A 97 9.36 8.47 8.97
N TRP A 98 8.81 8.69 7.79
CA TRP A 98 9.33 8.15 6.54
C TRP A 98 9.21 9.15 5.42
N GLY A 99 9.80 8.86 4.29
CA GLY A 99 9.87 9.73 3.08
C GLY A 99 9.23 9.08 1.87
N SER A 100 9.14 9.82 0.75
CA SER A 100 8.41 9.37 -0.47
C SER A 100 9.28 8.33 -1.20
N THR A 101 10.60 8.32 -0.99
CA THR A 101 11.53 7.31 -1.55
C THR A 101 12.41 6.80 -0.42
N ASN A 102 13.14 5.71 -0.58
CA ASN A 102 14.13 5.24 0.44
C ASN A 102 15.28 6.27 0.68
N GLU A 103 15.58 7.20 -0.25
CA GLU A 103 16.74 8.16 -0.22
C GLU A 103 16.64 9.15 0.92
N HIS A 104 15.43 9.41 1.39
CA HIS A 104 15.19 10.36 2.48
CA HIS A 104 15.30 10.30 2.60
C HIS A 104 14.03 9.76 3.30
N GLY A 105 13.83 10.18 4.44
CA GLY A 105 12.71 9.75 5.25
C GLY A 105 13.01 10.00 6.68
N SER A 106 14.27 10.04 7.08
CA SER A 106 14.60 10.42 8.48
C SER A 106 14.36 11.91 8.65
N GLU A 107 14.19 12.31 9.90
CA GLU A 107 14.11 13.74 10.24
C GLU A 107 15.49 14.27 10.55
N HIS A 108 16.14 13.69 11.57
CA HIS A 108 17.56 14.01 11.84
C HIS A 108 18.42 13.50 10.68
N THR A 109 19.51 14.21 10.44
CA THR A 109 20.59 13.75 9.53
C THR A 109 21.90 13.79 10.27
N VAL A 110 22.86 13.02 9.78
CA VAL A 110 24.18 13.02 10.50
C VAL A 110 25.23 13.30 9.44
N ASP A 111 25.93 14.41 9.58
CA ASP A 111 26.94 14.83 8.58
C ASP A 111 26.28 14.89 7.19
N GLY A 112 25.04 15.33 7.13
CA GLY A 112 24.32 15.53 5.87
C GLY A 112 23.68 14.27 5.32
N VAL A 113 23.91 13.13 5.94
CA VAL A 113 23.40 11.84 5.45
C VAL A 113 21.96 11.65 5.92
N LYS A 114 21.11 11.36 4.94
CA LYS A 114 19.65 11.15 5.12
C LYS A 114 19.39 9.64 5.20
N TYR A 115 18.67 9.17 6.22
CA TYR A 115 18.33 7.76 6.35
C TYR A 115 16.93 7.56 5.81
N SER A 116 16.43 6.34 5.82
CA SER A 116 15.15 5.97 5.12
C SER A 116 13.95 6.26 6.01
N ALA A 117 14.14 6.29 7.31
CA ALA A 117 13.04 6.47 8.27
C ALA A 117 13.65 6.80 9.64
N GLU A 118 12.78 7.13 10.59
CA GLU A 118 13.22 7.40 11.97
C GLU A 118 12.16 6.95 12.94
N LEU A 119 12.58 6.33 14.04
CA LEU A 119 11.74 5.94 15.17
C LEU A 119 11.86 7.00 16.23
N HIS A 120 10.74 7.45 16.74
CA HIS A 120 10.61 8.34 17.91
C HIS A 120 9.92 7.63 19.05
N VAL A 121 10.55 7.61 20.22
CA VAL A 121 9.99 7.07 21.47
C VAL A 121 9.88 8.28 22.40
N ALA A 122 8.64 8.64 22.74
CA ALA A 122 8.35 9.91 23.40
C ALA A 122 7.88 9.74 24.84
N HIS A 123 8.36 10.65 25.68
CA HIS A 123 8.17 10.58 27.14
C HIS A 123 7.83 11.98 27.67
N TRP A 124 7.22 12.03 28.84
CA TRP A 124 6.97 13.32 29.50
C TRP A 124 7.45 13.33 30.95
N ASN A 125 7.75 14.52 31.44
CA ASN A 125 8.41 14.67 32.76
C ASN A 125 7.36 14.54 33.88
N SER A 126 7.28 13.37 34.46
CA SER A 126 6.35 13.02 35.56
C SER A 126 6.94 13.47 36.91
N ALA A 127 8.21 13.88 36.95
CA ALA A 127 8.80 14.39 38.21
C ALA A 127 8.23 15.80 38.48
N LYS A 128 8.10 16.61 37.42
CA LYS A 128 7.71 18.03 37.53
C LYS A 128 6.23 18.25 37.24
N TYR A 129 5.65 17.49 36.32
CA TYR A 129 4.28 17.76 35.78
C TYR A 129 3.41 16.55 36.03
N SER A 130 2.10 16.80 35.95
CA SER A 130 1.07 15.83 36.37
C SER A 130 0.43 15.16 35.12
N SER A 131 0.64 15.67 33.92
CA SER A 131 0.01 15.11 32.69
C SER A 131 0.83 15.47 31.45
N LEU A 132 0.67 14.72 30.38
CA LEU A 132 1.26 15.10 29.07
C LEU A 132 0.76 16.48 28.66
N ALA A 133 -0.54 16.79 28.84
CA ALA A 133 -1.03 18.08 28.40
C ALA A 133 -0.31 19.23 29.12
N GLU A 134 0.04 19.06 30.41
CA GLU A 134 0.76 20.09 31.19
C GLU A 134 2.20 20.16 30.67
N ALA A 135 2.83 19.02 30.53
CA ALA A 135 4.26 18.89 30.18
C ALA A 135 4.60 19.43 28.77
N ALA A 136 3.69 19.27 27.83
CA ALA A 136 4.02 19.33 26.40
C ALA A 136 4.50 20.71 26.02
N SER A 137 4.11 21.77 26.73
CA SER A 137 4.53 23.13 26.32
C SER A 137 5.66 23.65 27.22
N LYS A 138 6.21 22.83 28.13
CA LYS A 138 7.31 23.24 29.04
C LYS A 138 8.70 22.89 28.48
N ALA A 139 9.69 23.71 28.76
CA ALA A 139 11.04 23.53 28.18
C ALA A 139 11.62 22.15 28.56
N ASP A 140 11.35 21.68 29.78
CA ASP A 140 11.85 20.43 30.37
C ASP A 140 10.75 19.36 30.33
N GLY A 141 9.71 19.56 29.49
CA GLY A 141 8.51 18.71 29.56
C GLY A 141 8.62 17.35 28.86
N LEU A 142 9.32 17.29 27.73
CA LEU A 142 9.35 16.08 26.90
C LEU A 142 10.76 15.59 26.63
N ALA A 143 10.88 14.28 26.46
CA ALA A 143 12.14 13.63 26.08
C ALA A 143 11.76 12.66 24.95
N VAL A 144 12.49 12.74 23.82
CA VAL A 144 12.24 11.84 22.69
C VAL A 144 13.56 11.18 22.27
N ILE A 145 13.54 9.86 22.24
CA ILE A 145 14.63 9.05 21.71
C ILE A 145 14.36 8.97 20.20
N GLY A 146 15.34 9.32 19.35
CA GLY A 146 15.30 9.13 17.93
C GLY A 146 16.29 8.07 17.52
N VAL A 147 15.84 7.19 16.63
CA VAL A 147 16.68 6.10 16.08
C VAL A 147 16.58 6.22 14.58
N LEU A 148 17.70 6.37 13.90
CA LEU A 148 17.78 6.40 12.45
C LEU A 148 17.62 5.00 11.92
N MET A 149 16.81 4.91 10.87
CA MET A 149 16.50 3.59 10.29
C MET A 149 17.08 3.51 8.87
N LYS A 150 18.03 2.58 8.71
CA LYS A 150 18.82 2.43 7.48
C LYS A 150 18.21 1.32 6.64
N VAL A 151 17.88 1.64 5.40
CA VAL A 151 17.25 0.60 4.57
C VAL A 151 18.25 -0.53 4.33
N GLY A 152 17.77 -1.75 4.41
CA GLY A 152 18.59 -2.96 4.26
C GLY A 152 17.73 -4.17 4.56
N GLU A 153 18.14 -4.98 5.49
CA GLU A 153 17.48 -6.26 5.81
C GLU A 153 16.18 -5.93 6.55
N ALA A 154 15.21 -6.77 6.36
CA ALA A 154 13.95 -6.69 7.12
C ALA A 154 14.24 -6.78 8.61
N ASN A 155 13.54 -5.95 9.36
CA ASN A 155 13.72 -5.90 10.83
C ASN A 155 12.58 -6.68 11.46
N PRO A 156 12.81 -7.88 12.00
CA PRO A 156 11.71 -8.66 12.57
C PRO A 156 11.08 -8.01 13.81
N LYS A 157 11.78 -7.10 14.51
CA LYS A 157 11.27 -6.48 15.75
C LYS A 157 10.09 -5.54 15.39
N LEU A 158 9.95 -5.14 14.12
CA LEU A 158 8.81 -4.34 13.66
C LEU A 158 7.56 -5.17 13.38
N GLN A 159 7.57 -6.51 13.49
CA GLN A 159 6.48 -7.35 12.97
C GLN A 159 5.15 -6.98 13.65
N LYS A 160 5.05 -6.95 14.97
CA LYS A 160 3.75 -6.70 15.65
C LYS A 160 3.22 -5.39 15.10
N VAL A 161 4.07 -4.37 14.98
CA VAL A 161 3.59 -3.04 14.54
C VAL A 161 3.05 -3.12 13.11
N LEU A 162 3.81 -3.70 12.21
CA LEU A 162 3.39 -3.79 10.79
C LEU A 162 2.10 -4.61 10.66
N ASP A 163 1.93 -5.68 11.44
CA ASP A 163 0.79 -6.62 11.37
C ASP A 163 -0.46 -5.83 11.81
N ALA A 164 -0.30 -4.81 12.65
CA ALA A 164 -1.44 -4.07 13.24
C ALA A 164 -2.03 -3.11 12.21
N LEU A 165 -1.25 -2.68 11.23
CA LEU A 165 -1.61 -1.56 10.35
C LEU A 165 -2.88 -1.90 9.55
N GLN A 166 -3.13 -3.16 9.25
CA GLN A 166 -4.30 -3.52 8.42
C GLN A 166 -5.59 -3.14 9.15
N ALA A 167 -5.56 -2.99 10.47
CA ALA A 167 -6.77 -2.66 11.26
C ALA A 167 -6.97 -1.16 11.37
N ILE A 168 -6.01 -0.34 10.92
CA ILE A 168 -6.12 1.13 11.09
C ILE A 168 -5.78 1.80 9.75
N LYS A 169 -6.32 1.27 8.66
CA LYS A 169 -5.92 1.72 7.31
C LYS A 169 -6.23 3.18 7.05
N THR A 170 -7.34 3.70 7.57
CA THR A 170 -7.84 5.04 7.24
C THR A 170 -7.83 5.93 8.49
N LYS A 171 -7.89 7.21 8.22
CA LYS A 171 -7.80 8.26 9.23
C LYS A 171 -8.83 8.08 10.34
N GLY A 172 -8.39 8.03 11.60
CA GLY A 172 -9.30 7.92 12.74
C GLY A 172 -9.44 6.55 13.28
N LYS A 173 -9.14 5.53 12.46
CA LYS A 173 -9.28 4.17 12.96
C LYS A 173 -8.27 3.95 14.10
N ARG A 174 -8.67 3.14 15.06
CA ARG A 174 -7.84 2.79 16.20
C ARG A 174 -8.15 1.34 16.60
N ALA A 175 -7.16 0.74 17.23
CA ALA A 175 -7.31 -0.65 17.68
C ALA A 175 -6.49 -0.84 18.93
N PRO A 176 -6.88 -1.82 19.77
CA PRO A 176 -6.05 -2.20 20.88
C PRO A 176 -4.69 -2.70 20.35
N PHE A 177 -3.64 -2.33 21.08
CA PHE A 177 -2.25 -2.73 20.77
C PHE A 177 -1.58 -3.02 22.12
N THR A 178 -1.47 -4.29 22.52
CA THR A 178 -1.12 -4.62 23.92
C THR A 178 0.15 -5.49 23.97
N ASN A 179 0.72 -5.57 25.15
CA ASN A 179 1.78 -6.54 25.49
C ASN A 179 2.99 -6.30 24.58
N PHE A 180 3.52 -5.09 24.56
CA PHE A 180 4.65 -4.73 23.69
C PHE A 180 5.57 -3.73 24.41
N ASP A 181 6.85 -4.07 24.38
CA ASP A 181 7.94 -3.31 25.03
C ASP A 181 8.78 -2.69 23.92
N PRO A 182 8.67 -1.38 23.69
CA PRO A 182 9.36 -0.75 22.55
C PRO A 182 10.88 -0.64 22.73
N SER A 183 11.43 -0.92 23.91
CA SER A 183 12.89 -0.99 24.05
C SER A 183 13.43 -2.10 23.14
N THR A 184 12.61 -3.05 22.73
CA THR A 184 13.03 -4.10 21.77
C THR A 184 13.39 -3.52 20.39
N LEU A 185 12.95 -2.31 20.07
CA LEU A 185 13.22 -1.63 18.79
C LEU A 185 14.53 -0.85 18.81
N LEU A 186 15.06 -0.62 20.00
CA LEU A 186 16.27 0.22 20.14
C LEU A 186 17.52 -0.55 19.70
N PRO A 187 18.54 0.16 19.21
CA PRO A 187 19.80 -0.50 18.87
C PRO A 187 20.52 -1.09 20.09
N SER A 188 21.50 -1.98 19.88
CA SER A 188 22.27 -2.64 20.97
C SER A 188 23.00 -1.58 21.80
N SER A 189 23.67 -0.63 21.13
CA SER A 189 24.42 0.50 21.75
C SER A 189 23.42 1.62 21.96
N LEU A 190 23.39 2.19 23.15
CA LEU A 190 22.60 3.41 23.44
C LEU A 190 23.57 4.62 23.55
N ASP A 191 24.74 4.56 22.88
CA ASP A 191 25.58 5.77 22.71
C ASP A 191 24.71 6.81 21.99
N PHE A 192 24.81 8.08 22.33
CA PHE A 192 23.83 9.07 21.88
C PHE A 192 24.40 10.45 21.76
N TRP A 193 23.72 11.27 20.98
CA TRP A 193 23.79 12.75 20.94
C TRP A 193 22.58 13.35 21.64
N THR A 194 22.74 14.49 22.25
CA THR A 194 21.61 15.21 22.86
C THR A 194 21.68 16.67 22.49
N TYR A 195 20.53 17.24 22.29
CA TYR A 195 20.42 18.70 22.11
C TYR A 195 19.00 19.13 22.49
N PRO A 196 18.82 20.40 22.81
CA PRO A 196 17.52 20.95 23.16
C PRO A 196 16.78 21.38 21.90
N GLY A 197 15.55 20.91 21.77
CA GLY A 197 14.80 21.17 20.56
C GLY A 197 13.31 21.16 20.77
N SER A 198 12.64 20.70 19.74
CA SER A 198 11.18 20.91 19.58
C SER A 198 10.46 19.64 19.11
N LEU A 199 9.14 19.66 19.22
CA LEU A 199 8.33 18.74 18.41
C LEU A 199 8.60 19.03 16.95
N THR A 200 8.56 18.00 16.10
CA THR A 200 8.95 18.19 14.69
C THR A 200 7.75 18.41 13.78
N HIS A 201 6.59 18.56 14.35
CA HIS A 201 5.40 19.01 13.62
C HIS A 201 4.53 19.82 14.58
N PRO A 202 3.53 20.56 14.05
CA PRO A 202 2.65 21.37 14.88
C PRO A 202 2.14 20.54 16.04
N PRO A 203 2.10 21.15 17.24
CA PRO A 203 2.33 22.58 17.47
C PRO A 203 3.77 23.08 17.65
N LEU A 204 4.78 22.24 17.41
CA LEU A 204 6.20 22.66 17.27
C LEU A 204 6.76 23.25 18.58
N TYR A 205 6.15 22.95 19.71
CA TYR A 205 6.63 23.46 21.03
C TYR A 205 8.12 23.09 21.21
N GLU A 206 8.84 24.05 21.76
CA GLU A 206 10.27 23.91 22.11
C GLU A 206 10.38 23.31 23.50
N SER A 207 9.94 22.07 23.62
CA SER A 207 9.77 21.33 24.87
C SER A 207 10.51 20.02 24.86
N VAL A 208 11.25 19.70 23.80
CA VAL A 208 11.86 18.36 23.69
C VAL A 208 13.38 18.37 23.91
N THR A 209 13.82 17.53 24.82
CA THR A 209 15.24 17.11 24.93
C THR A 209 15.36 15.88 24.04
N TRP A 210 16.14 16.02 22.97
CA TRP A 210 16.37 14.95 22.00
C TRP A 210 17.52 14.07 22.47
N ILE A 211 17.33 12.78 22.31
CA ILE A 211 18.35 11.71 22.52
C ILE A 211 18.44 11.00 21.16
N ILE A 212 19.48 11.23 20.38
CA ILE A 212 19.64 10.59 19.06
C ILE A 212 20.66 9.48 19.15
N CYS A 213 20.28 8.26 18.90
CA CYS A 213 21.18 7.08 18.91
C CYS A 213 22.23 7.17 17.80
N LYS A 214 23.47 6.85 18.19
CA LYS A 214 24.59 6.76 17.23
C LYS A 214 24.33 5.60 16.24
N GLU A 215 23.90 4.43 16.73
CA GLU A 215 23.72 3.22 15.93
CA GLU A 215 23.71 3.18 15.97
C GLU A 215 22.34 3.27 15.28
N SER A 216 22.30 2.95 14.00
CA SER A 216 21.01 2.76 13.29
C SER A 216 20.40 1.40 13.58
N ILE A 217 19.11 1.27 13.22
CA ILE A 217 18.44 -0.04 13.11
C ILE A 217 18.04 -0.23 11.66
N SER A 218 17.78 -1.46 11.29
CA SER A 218 17.44 -1.78 9.89
CA SER A 218 17.43 -1.76 9.88
C SER A 218 15.92 -1.67 9.64
N VAL A 219 15.61 -1.53 8.38
CA VAL A 219 14.23 -1.65 7.85
C VAL A 219 14.36 -2.10 6.39
N SER A 220 13.46 -2.94 5.89
CA SER A 220 13.48 -3.29 4.46
C SER A 220 12.66 -2.30 3.63
N SER A 221 12.95 -2.23 2.35
CA SER A 221 12.20 -1.48 1.30
CA SER A 221 12.20 -1.38 1.36
C SER A 221 10.71 -1.77 1.39
N GLU A 222 10.40 -3.06 1.64
CA GLU A 222 8.98 -3.55 1.68
C GLU A 222 8.36 -3.15 3.02
N GLN A 223 9.09 -3.18 4.12
CA GLN A 223 8.53 -2.66 5.39
C GLN A 223 8.19 -1.17 5.22
N LEU A 224 9.04 -0.35 4.60
CA LEU A 224 8.77 1.09 4.41
C LEU A 224 7.51 1.21 3.56
N ALA A 225 7.35 0.36 2.56
CA ALA A 225 6.18 0.42 1.66
C ALA A 225 4.90 0.24 2.49
N GLN A 226 4.93 -0.63 3.52
CA GLN A 226 3.77 -0.86 4.39
C GLN A 226 3.42 0.47 5.06
N PHE A 227 4.35 1.25 5.56
CA PHE A 227 4.05 2.58 6.14
C PHE A 227 3.38 3.45 5.08
N ARG A 228 3.90 3.48 3.89
CA ARG A 228 3.45 4.40 2.81
C ARG A 228 2.09 3.97 2.27
N SER A 229 1.66 2.77 2.58
CA SER A 229 0.36 2.24 2.12
C SER A 229 -0.73 2.60 3.13
N LEU A 230 -0.43 3.15 4.31
CA LEU A 230 -1.49 3.70 5.19
C LEU A 230 -2.15 4.86 4.48
N LEU A 231 -3.42 5.06 4.77
CA LEU A 231 -4.23 6.09 4.08
C LEU A 231 -4.50 7.28 5.01
N SER A 232 -4.35 8.45 4.44
CA SER A 232 -4.55 9.73 5.15
C SER A 232 -6.02 10.16 5.10
N ASN A 233 -6.81 9.51 4.24
CA ASN A 233 -8.26 9.86 4.06
C ASN A 233 -9.10 9.05 5.04
N VAL A 234 -10.33 9.50 5.28
CA VAL A 234 -11.29 8.67 6.06
C VAL A 234 -11.93 7.63 5.14
N GLU A 235 -12.41 6.60 5.79
CA GLU A 235 -13.06 5.46 5.13
C GLU A 235 -14.14 5.97 4.15
N GLY A 236 -14.16 5.44 2.94
CA GLY A 236 -15.14 5.78 1.92
C GLY A 236 -14.67 6.87 0.97
N ASP A 237 -13.74 7.73 1.37
CA ASP A 237 -13.21 8.77 0.45
C ASP A 237 -12.17 8.17 -0.52
N ASN A 238 -11.77 8.96 -1.54
CA ASN A 238 -10.69 8.63 -2.49
C ASN A 238 -9.42 8.32 -1.67
N ALA A 239 -8.72 7.22 -1.97
CA ALA A 239 -7.56 6.78 -1.17
C ALA A 239 -6.41 7.79 -1.37
N VAL A 240 -5.79 8.24 -0.29
CA VAL A 240 -4.63 9.18 -0.41
C VAL A 240 -3.54 8.59 0.47
N PRO A 241 -2.59 7.81 -0.11
CA PRO A 241 -1.54 7.23 0.71
C PRO A 241 -0.71 8.27 1.45
N MET A 242 -0.21 7.84 2.61
CA MET A 242 0.71 8.61 3.48
C MET A 242 2.11 8.48 2.93
N GLN A 243 2.45 9.24 1.91
CA GLN A 243 3.70 9.04 1.18
C GLN A 243 4.89 9.50 2.02
N HIS A 244 4.75 10.53 2.85
CA HIS A 244 5.89 11.09 3.62
C HIS A 244 5.39 11.94 4.80
N ASN A 245 6.23 12.07 5.83
CA ASN A 245 5.88 12.89 7.02
C ASN A 245 7.15 13.35 7.76
N ASN A 246 8.22 13.58 6.97
CA ASN A 246 9.48 14.05 7.54
C ASN A 246 9.66 15.53 7.31
N ARG A 247 10.02 16.21 8.38
CA ARG A 247 10.32 17.65 8.31
C ARG A 247 11.78 17.83 7.90
N PRO A 248 12.10 18.84 7.09
CA PRO A 248 13.50 19.18 6.82
C PRO A 248 14.23 19.63 8.09
N THR A 249 15.54 19.49 8.08
CA THR A 249 16.38 19.98 9.20
C THR A 249 16.28 21.50 9.29
N GLN A 250 16.47 21.99 10.50
CA GLN A 250 16.31 23.38 10.90
C GLN A 250 17.64 23.92 11.46
N PRO A 251 17.84 25.25 11.40
CA PRO A 251 19.10 25.85 11.84
C PRO A 251 19.41 25.66 13.32
N LEU A 252 20.64 25.33 13.69
CA LEU A 252 20.99 25.11 15.10
C LEU A 252 20.88 26.40 15.91
N LYS A 253 21.13 27.57 15.28
CA LYS A 253 21.03 28.90 15.95
C LYS A 253 21.85 28.91 17.26
N GLY A 254 23.08 28.42 17.23
CA GLY A 254 24.01 28.61 18.38
C GLY A 254 23.90 27.50 19.41
N ARG A 255 22.96 26.53 19.20
CA ARG A 255 22.83 25.37 20.12
C ARG A 255 24.00 24.40 19.94
N THR A 256 24.31 23.67 21.02
CA THR A 256 25.38 22.66 21.05
C THR A 256 24.77 21.28 21.06
N VAL A 257 25.21 20.44 20.15
CA VAL A 257 24.91 19.00 20.24
C VAL A 257 26.02 18.32 21.05
N ARG A 258 25.64 17.69 22.14
CA ARG A 258 26.55 16.97 23.03
C ARG A 258 26.57 15.50 22.66
N ALA A 259 27.72 14.86 22.78
CA ALA A 259 27.91 13.42 22.53
C ALA A 259 28.21 12.74 23.85
N SER A 260 27.75 11.53 24.02
CA SER A 260 27.98 10.69 25.23
C SER A 260 29.24 9.87 25.05
N PHE A 261 29.80 9.94 23.86
CA PHE A 261 30.84 8.99 23.36
C PHE A 261 31.92 9.78 22.62
N ASP B 5 9.70 -5.24 -22.39
CA ASP B 5 9.58 -3.93 -21.73
C ASP B 5 8.26 -3.34 -22.22
N TRP B 6 7.17 -3.83 -21.66
CA TRP B 6 5.87 -3.15 -21.77
C TRP B 6 5.34 -2.94 -20.37
N GLY B 7 4.52 -1.91 -20.21
CA GLY B 7 3.87 -1.66 -18.93
C GLY B 7 2.71 -0.72 -19.14
N TYR B 8 2.39 0.09 -18.13
CA TYR B 8 1.25 1.02 -18.22
C TYR B 8 1.69 2.47 -18.03
N ASP B 9 3.01 2.74 -17.97
CA ASP B 9 3.40 4.16 -17.79
C ASP B 9 3.52 4.88 -19.14
N ASP B 10 3.92 6.16 -19.14
CA ASP B 10 3.99 6.94 -20.41
C ASP B 10 5.02 6.31 -21.39
N LYS B 11 6.16 5.82 -20.91
CA LYS B 11 7.28 5.31 -21.76
C LYS B 11 6.91 3.97 -22.41
N ASN B 12 6.16 3.09 -21.73
CA ASN B 12 6.01 1.67 -22.16
C ASN B 12 4.55 1.23 -22.17
N GLY B 13 3.62 2.19 -22.07
CA GLY B 13 2.19 1.88 -21.89
C GLY B 13 1.43 1.74 -23.19
N PRO B 14 0.10 1.60 -23.05
CA PRO B 14 -0.80 1.25 -24.15
C PRO B 14 -0.63 2.01 -25.46
N GLU B 15 -0.30 3.32 -25.40
CA GLU B 15 -0.08 4.14 -26.62
C GLU B 15 1.20 3.72 -27.38
N GLN B 16 2.13 3.04 -26.72
CA GLN B 16 3.47 2.65 -27.24
C GLN B 16 3.46 1.16 -27.61
N TRP B 17 2.45 0.40 -27.18
CA TRP B 17 2.55 -1.06 -27.31
C TRP B 17 2.71 -1.49 -28.79
N SER B 18 2.16 -0.75 -29.75
CA SER B 18 2.19 -1.16 -31.18
C SER B 18 3.63 -1.28 -31.70
N LYS B 19 4.61 -0.61 -31.07
CA LYS B 19 6.01 -0.66 -31.56
C LYS B 19 6.51 -2.10 -31.42
N LEU B 20 6.21 -2.74 -30.30
CA LEU B 20 6.70 -4.11 -29.98
C LEU B 20 5.65 -5.15 -30.42
N TYR B 21 4.37 -4.76 -30.46
CA TYR B 21 3.25 -5.71 -30.70
C TYR B 21 2.31 -5.08 -31.71
N PRO B 22 2.63 -5.16 -33.02
CA PRO B 22 1.87 -4.47 -34.04
C PRO B 22 0.38 -4.79 -34.15
N ILE B 23 0.01 -5.95 -33.62
CA ILE B 23 -1.41 -6.38 -33.50
C ILE B 23 -2.19 -5.41 -32.59
N ALA B 24 -1.55 -4.54 -31.80
CA ALA B 24 -2.22 -3.55 -30.94
C ALA B 24 -3.16 -2.69 -31.79
N ASN B 25 -2.83 -2.46 -33.08
CA ASN B 25 -3.64 -1.67 -34.05
C ASN B 25 -4.49 -2.59 -34.94
N GLY B 26 -4.77 -3.80 -34.49
CA GLY B 26 -5.57 -4.83 -35.18
C GLY B 26 -7.06 -4.51 -35.24
N ASN B 27 -7.80 -5.41 -35.89
CA ASN B 27 -9.25 -5.28 -36.13
C ASN B 27 -10.09 -5.96 -35.05
N ASN B 28 -9.48 -6.60 -34.06
CA ASN B 28 -10.23 -7.39 -33.05
C ASN B 28 -9.62 -7.10 -31.69
N GLN B 29 -9.32 -5.84 -31.39
CA GLN B 29 -8.64 -5.48 -30.11
C GLN B 29 -9.69 -5.20 -29.00
N SER B 30 -9.29 -5.52 -27.80
CA SER B 30 -10.08 -5.35 -26.58
C SER B 30 -9.31 -4.47 -25.59
N PRO B 31 -9.99 -3.81 -24.64
CA PRO B 31 -11.43 -3.81 -24.47
C PRO B 31 -12.14 -2.92 -25.50
N VAL B 32 -13.46 -2.88 -25.38
CA VAL B 32 -14.34 -2.02 -26.20
C VAL B 32 -15.40 -1.34 -25.30
N ASP B 33 -15.95 -0.26 -25.82
CA ASP B 33 -17.17 0.37 -25.26
C ASP B 33 -18.33 -0.44 -25.83
N ILE B 34 -19.25 -0.82 -24.98
CA ILE B 34 -20.51 -1.45 -25.41
C ILE B 34 -21.61 -0.40 -25.48
N LYS B 35 -22.01 -0.04 -26.70
CA LYS B 35 -23.07 0.98 -26.91
C LYS B 35 -24.34 0.14 -26.96
N THR B 36 -25.18 0.22 -25.92
CA THR B 36 -26.32 -0.70 -25.74
C THR B 36 -27.33 -0.47 -26.88
N SER B 37 -27.43 0.72 -27.46
CA SER B 37 -28.32 0.97 -28.61
C SER B 37 -27.91 0.19 -29.87
N GLU B 38 -26.69 -0.31 -29.97
CA GLU B 38 -26.14 -0.93 -31.20
C GLU B 38 -26.01 -2.46 -30.95
N THR B 39 -26.33 -2.97 -29.75
CA THR B 39 -26.22 -4.42 -29.50
C THR B 39 -27.33 -5.14 -30.24
N LYS B 40 -27.08 -6.38 -30.60
CA LYS B 40 -28.04 -7.21 -31.35
C LYS B 40 -28.36 -8.42 -30.51
N HIS B 41 -29.63 -8.67 -30.27
CA HIS B 41 -30.04 -9.89 -29.58
C HIS B 41 -29.95 -11.08 -30.52
N ASP B 42 -29.23 -12.09 -30.07
CA ASP B 42 -29.01 -13.34 -30.82
C ASP B 42 -29.70 -14.49 -30.10
N THR B 43 -30.71 -15.07 -30.73
CA THR B 43 -31.53 -16.14 -30.14
C THR B 43 -30.71 -17.41 -29.97
N SER B 44 -29.56 -17.54 -30.67
CA SER B 44 -28.76 -18.77 -30.59
C SER B 44 -27.88 -18.77 -29.32
N LEU B 45 -27.82 -17.66 -28.61
CA LEU B 45 -26.98 -17.60 -27.37
C LEU B 45 -27.66 -18.33 -26.25
N LYS B 46 -27.02 -19.39 -25.75
CA LYS B 46 -27.52 -20.13 -24.59
C LYS B 46 -27.09 -19.43 -23.32
N PRO B 47 -27.72 -19.76 -22.18
CA PRO B 47 -27.21 -19.26 -20.90
C PRO B 47 -25.76 -19.73 -20.71
N ILE B 48 -24.98 -18.94 -19.99
CA ILE B 48 -23.64 -19.44 -19.64
C ILE B 48 -23.75 -20.35 -18.41
N SER B 49 -22.96 -21.41 -18.40
CA SER B 49 -22.91 -22.41 -17.35
C SER B 49 -21.47 -22.41 -16.84
N VAL B 50 -21.26 -22.10 -15.58
CA VAL B 50 -19.93 -22.29 -14.96
C VAL B 50 -20.05 -23.33 -13.85
N SER B 51 -19.16 -24.30 -13.90
CA SER B 51 -19.07 -25.42 -12.94
C SER B 51 -17.59 -25.50 -12.61
N TYR B 52 -17.18 -24.80 -11.58
CA TYR B 52 -15.77 -24.82 -11.14
C TYR B 52 -15.68 -25.63 -9.87
N ASN B 53 -14.56 -26.36 -9.82
CA ASN B 53 -14.23 -27.29 -8.74
C ASN B 53 -13.24 -26.54 -7.86
N PRO B 54 -13.53 -26.19 -6.60
CA PRO B 54 -12.64 -25.32 -5.84
C PRO B 54 -11.30 -25.96 -5.49
N ALA B 55 -11.16 -27.27 -5.72
CA ALA B 55 -9.88 -27.99 -5.53
C ALA B 55 -8.93 -27.74 -6.70
N THR B 56 -9.37 -27.03 -7.72
CA THR B 56 -8.45 -26.71 -8.85
C THR B 56 -7.65 -25.43 -8.54
N ALA B 57 -8.02 -24.65 -7.55
CA ALA B 57 -7.27 -23.43 -7.17
C ALA B 57 -5.83 -23.84 -6.83
N LYS B 58 -4.82 -23.12 -7.35
CA LYS B 58 -3.41 -23.53 -7.16
C LYS B 58 -2.56 -22.46 -6.47
N GLU B 59 -2.42 -21.27 -7.10
CA GLU B 59 -1.32 -20.35 -6.75
C GLU B 59 -1.76 -18.92 -7.04
N ILE B 60 -1.24 -18.00 -6.27
CA ILE B 60 -1.38 -16.56 -6.53
C ILE B 60 0.02 -16.00 -6.77
N ILE B 61 0.17 -15.15 -7.77
CA ILE B 61 1.47 -14.67 -8.25
C ILE B 61 1.43 -13.20 -8.59
N ASN B 62 2.45 -12.46 -8.15
CA ASN B 62 2.64 -11.06 -8.52
C ASN B 62 3.41 -11.04 -9.84
N VAL B 63 2.74 -10.56 -10.91
CA VAL B 63 3.32 -10.56 -12.28
C VAL B 63 3.82 -9.16 -12.66
N GLY B 64 4.06 -8.29 -11.69
CA GLY B 64 4.71 -7.01 -11.96
C GLY B 64 3.72 -5.92 -12.31
N HIS B 65 2.84 -6.20 -13.26
CA HIS B 65 1.80 -5.23 -13.65
C HIS B 65 0.45 -5.51 -13.01
N SER B 66 0.32 -6.70 -12.40
CA SER B 66 -0.94 -7.21 -11.85
C SER B 66 -0.62 -8.39 -10.95
N PHE B 67 -1.65 -9.07 -10.52
CA PHE B 67 -1.50 -10.38 -9.86
C PHE B 67 -2.49 -11.32 -10.48
N HIS B 68 -2.13 -12.59 -10.51
CA HIS B 68 -2.92 -13.65 -11.11
C HIS B 68 -3.23 -14.71 -10.07
N VAL B 69 -4.45 -15.25 -10.13
CA VAL B 69 -4.81 -16.46 -9.37
C VAL B 69 -4.95 -17.59 -10.37
N ASN B 70 -4.03 -18.57 -10.30
CA ASN B 70 -3.96 -19.65 -11.27
C ASN B 70 -4.61 -20.90 -10.74
N PHE B 71 -5.13 -21.66 -11.68
CA PHE B 71 -5.80 -22.94 -11.43
C PHE B 71 -5.12 -24.11 -12.13
N GLU B 72 -5.19 -25.32 -11.55
CA GLU B 72 -4.75 -26.54 -12.22
C GLU B 72 -5.59 -26.71 -13.49
N ASP B 73 -4.99 -26.95 -14.64
CA ASP B 73 -5.73 -26.99 -15.93
C ASP B 73 -5.40 -28.25 -16.73
N ASN B 74 -5.05 -29.31 -16.04
CA ASN B 74 -4.65 -30.61 -16.63
C ASN B 74 -5.89 -31.39 -17.08
N ASP B 75 -7.07 -31.05 -16.54
CA ASP B 75 -8.33 -31.76 -16.81
C ASP B 75 -9.49 -30.78 -16.81
N ASN B 76 -10.67 -31.32 -17.15
CA ASN B 76 -11.89 -30.51 -17.27
C ASN B 76 -12.67 -30.49 -15.96
N ARG B 77 -12.07 -30.49 -14.77
CA ARG B 77 -12.82 -30.32 -13.50
C ARG B 77 -13.58 -28.98 -13.44
N SER B 78 -13.02 -27.91 -14.00
CA SER B 78 -13.50 -26.51 -13.91
C SER B 78 -13.72 -25.99 -15.32
N VAL B 79 -14.98 -25.85 -15.74
CA VAL B 79 -15.28 -25.46 -17.14
C VAL B 79 -16.36 -24.41 -17.20
N LEU B 80 -16.28 -23.69 -18.32
CA LEU B 80 -17.28 -22.76 -18.83
C LEU B 80 -17.91 -23.43 -20.05
N LYS B 81 -19.22 -23.38 -20.14
CA LYS B 81 -19.96 -23.91 -21.32
C LYS B 81 -21.14 -22.97 -21.58
N GLY B 82 -21.77 -23.20 -22.70
CA GLY B 82 -22.98 -22.43 -23.08
C GLY B 82 -22.60 -21.11 -23.69
N GLY B 83 -23.51 -20.15 -23.57
CA GLY B 83 -23.32 -18.86 -24.22
C GLY B 83 -23.16 -19.09 -25.70
N PRO B 84 -22.13 -18.44 -26.30
CA PRO B 84 -21.86 -18.54 -27.73
C PRO B 84 -21.09 -19.80 -28.13
N PHE B 85 -20.74 -20.65 -27.15
CA PHE B 85 -19.81 -21.78 -27.35
C PHE B 85 -20.53 -23.10 -27.64
N SER B 86 -19.93 -23.94 -28.47
CA SER B 86 -20.32 -25.38 -28.57
C SER B 86 -19.27 -26.24 -27.84
N ASP B 87 -18.08 -25.69 -27.61
CA ASP B 87 -16.93 -26.34 -26.92
C ASP B 87 -17.03 -26.02 -25.41
N SER B 88 -16.57 -26.90 -24.52
CA SER B 88 -16.25 -26.53 -23.12
C SER B 88 -14.85 -25.86 -23.07
N TYR B 89 -14.74 -24.85 -22.22
CA TYR B 89 -13.50 -24.07 -21.98
C TYR B 89 -13.08 -24.29 -20.54
N ARG B 90 -11.81 -24.58 -20.37
CA ARG B 90 -11.20 -24.94 -19.08
C ARG B 90 -10.69 -23.69 -18.33
N LEU B 91 -11.16 -23.49 -17.11
CA LEU B 91 -10.68 -22.39 -16.22
C LEU B 91 -9.14 -22.50 -16.07
N PHE B 92 -8.43 -21.38 -16.20
CA PHE B 92 -6.99 -21.38 -15.83
C PHE B 92 -6.59 -20.22 -14.95
N GLN B 93 -7.35 -19.14 -14.87
CA GLN B 93 -6.90 -17.99 -14.07
C GLN B 93 -8.05 -17.03 -13.81
N PHE B 94 -7.98 -16.24 -12.75
CA PHE B 94 -8.70 -14.95 -12.70
C PHE B 94 -7.76 -13.86 -12.22
N HIS B 95 -8.12 -12.63 -12.57
CA HIS B 95 -7.35 -11.46 -12.14
C HIS B 95 -8.23 -10.23 -12.26
N PHE B 96 -7.67 -9.08 -11.95
CA PHE B 96 -8.38 -7.81 -11.94
C PHE B 96 -7.61 -6.80 -12.75
N HIS B 97 -8.34 -5.74 -13.11
CA HIS B 97 -7.76 -4.46 -13.55
C HIS B 97 -8.36 -3.36 -12.71
N TRP B 98 -7.57 -2.34 -12.49
CA TRP B 98 -7.95 -1.16 -11.73
C TRP B 98 -7.23 0.06 -12.29
N GLY B 99 -7.66 1.23 -11.81
CA GLY B 99 -7.13 2.50 -12.28
C GLY B 99 -6.53 3.35 -11.19
N SER B 100 -5.99 4.49 -11.55
CA SER B 100 -5.23 5.32 -10.56
CA SER B 100 -5.23 5.36 -10.60
C SER B 100 -6.21 5.96 -9.60
N THR B 101 -7.47 6.10 -10.04
CA THR B 101 -8.56 6.68 -9.23
C THR B 101 -9.73 5.71 -9.18
N ASN B 102 -10.68 5.92 -8.30
CA ASN B 102 -11.91 5.09 -8.35
C ASN B 102 -12.80 5.45 -9.55
N GLU B 103 -12.56 6.58 -10.24
CA GLU B 103 -13.41 7.09 -11.39
C GLU B 103 -13.21 6.25 -12.67
N HIS B 104 -12.10 5.52 -12.82
CA HIS B 104 -11.82 4.80 -14.08
C HIS B 104 -10.74 3.81 -13.84
N GLY B 105 -11.19 2.60 -13.66
CA GLY B 105 -10.30 1.44 -13.49
C GLY B 105 -10.78 0.27 -14.31
N SER B 106 -12.03 0.26 -14.80
CA SER B 106 -12.44 -0.87 -15.68
C SER B 106 -11.76 -0.78 -17.06
N GLU B 107 -11.82 -1.89 -17.79
CA GLU B 107 -11.33 -1.94 -19.17
C GLU B 107 -12.50 -1.70 -20.10
N HIS B 108 -13.47 -2.60 -20.02
CA HIS B 108 -14.72 -2.39 -20.78
C HIS B 108 -15.50 -1.21 -20.19
N THR B 109 -16.23 -0.54 -21.07
CA THR B 109 -17.17 0.51 -20.68
C THR B 109 -18.53 0.22 -21.28
N VAL B 110 -19.58 0.79 -20.68
CA VAL B 110 -20.96 0.57 -21.19
C VAL B 110 -21.59 1.92 -21.39
N ASP B 111 -21.90 2.24 -22.65
CA ASP B 111 -22.42 3.58 -23.00
C ASP B 111 -21.49 4.66 -22.45
N GLY B 112 -20.19 4.44 -22.58
CA GLY B 112 -19.15 5.44 -22.24
C GLY B 112 -18.89 5.52 -20.76
N VAL B 113 -19.58 4.73 -19.93
CA VAL B 113 -19.43 4.80 -18.45
C VAL B 113 -18.33 3.83 -18.04
N LYS B 114 -17.34 4.39 -17.34
CA LYS B 114 -16.14 3.68 -16.80
C LYS B 114 -16.46 3.30 -15.37
N TYR B 115 -16.21 2.06 -15.02
CA TYR B 115 -16.36 1.54 -13.67
C TYR B 115 -15.00 1.63 -12.95
N SER B 116 -14.98 1.22 -11.69
CA SER B 116 -13.82 1.41 -10.79
C SER B 116 -12.82 0.28 -11.01
N ALA B 117 -13.24 -0.89 -11.45
CA ALA B 117 -12.32 -2.02 -11.65
C ALA B 117 -13.05 -3.07 -12.48
N GLU B 118 -12.37 -4.14 -12.83
CA GLU B 118 -12.94 -5.22 -13.64
C GLU B 118 -12.29 -6.52 -13.21
N LEU B 119 -13.13 -7.54 -13.09
CA LEU B 119 -12.74 -8.94 -12.90
C LEU B 119 -12.72 -9.67 -14.22
N HIS B 120 -11.66 -10.40 -14.48
CA HIS B 120 -11.50 -11.29 -15.63
C HIS B 120 -11.32 -12.73 -15.14
N VAL B 121 -12.15 -13.63 -15.68
CA VAL B 121 -12.04 -15.08 -15.37
C VAL B 121 -11.74 -15.70 -16.75
N ALA B 122 -10.57 -16.29 -16.89
CA ALA B 122 -10.01 -16.70 -18.19
C ALA B 122 -9.97 -18.23 -18.32
N HIS B 123 -10.31 -18.69 -19.54
CA HIS B 123 -10.45 -20.13 -19.84
C HIS B 123 -9.88 -20.42 -21.23
N TRP B 124 -9.47 -21.65 -21.50
CA TRP B 124 -8.92 -22.03 -22.82
C TRP B 124 -9.68 -23.25 -23.39
N ASN B 125 -9.71 -23.33 -24.71
CA ASN B 125 -10.57 -24.33 -25.41
C ASN B 125 -9.89 -25.72 -25.37
N SER B 126 -10.28 -26.56 -24.42
CA SER B 126 -9.76 -27.94 -24.21
C SER B 126 -10.49 -28.95 -25.09
N ALA B 127 -11.51 -28.51 -25.83
CA ALA B 127 -12.15 -29.36 -26.87
C ALA B 127 -11.20 -29.47 -28.08
N LYS B 128 -10.62 -28.36 -28.55
CA LYS B 128 -9.86 -28.27 -29.83
C LYS B 128 -8.34 -28.37 -29.61
N TYR B 129 -7.88 -27.85 -28.50
CA TYR B 129 -6.44 -27.71 -28.18
C TYR B 129 -6.13 -28.54 -26.94
N SER B 130 -4.84 -28.81 -26.73
CA SER B 130 -4.38 -29.71 -25.66
C SER B 130 -3.70 -28.90 -24.57
N SER B 131 -3.50 -27.61 -24.75
CA SER B 131 -2.80 -26.80 -23.71
C SER B 131 -3.16 -25.33 -23.89
N LEU B 132 -2.91 -24.58 -22.83
CA LEU B 132 -3.01 -23.11 -22.90
C LEU B 132 -2.03 -22.55 -23.92
N ALA B 133 -0.79 -23.00 -23.90
CA ALA B 133 0.24 -22.46 -24.80
C ALA B 133 -0.22 -22.65 -26.26
N GLU B 134 -0.88 -23.79 -26.56
CA GLU B 134 -1.36 -24.05 -27.94
C GLU B 134 -2.54 -23.11 -28.23
N ALA B 135 -3.46 -23.01 -27.29
CA ALA B 135 -4.77 -22.35 -27.48
C ALA B 135 -4.60 -20.83 -27.56
N ALA B 136 -3.62 -20.25 -26.84
CA ALA B 136 -3.59 -18.78 -26.56
C ALA B 136 -3.52 -17.93 -27.84
N SER B 137 -2.97 -18.43 -28.94
CA SER B 137 -2.78 -17.63 -30.18
C SER B 137 -3.83 -18.00 -31.23
N LYS B 138 -4.84 -18.80 -30.90
CA LYS B 138 -5.88 -19.29 -31.84
C LYS B 138 -7.16 -18.44 -31.73
N ALA B 139 -7.83 -18.14 -32.85
CA ALA B 139 -9.03 -17.28 -32.85
C ALA B 139 -10.10 -17.78 -31.87
N ASP B 140 -10.22 -19.08 -31.75
CA ASP B 140 -11.19 -19.79 -30.90
C ASP B 140 -10.53 -20.34 -29.63
N GLY B 141 -9.37 -19.82 -29.24
CA GLY B 141 -8.58 -20.44 -28.16
C GLY B 141 -9.02 -20.08 -26.75
N LEU B 142 -9.46 -18.85 -26.52
CA LEU B 142 -9.68 -18.34 -25.15
C LEU B 142 -11.09 -17.79 -24.99
N ALA B 143 -11.57 -17.84 -23.76
CA ALA B 143 -12.85 -17.25 -23.38
C ALA B 143 -12.62 -16.55 -22.06
N VAL B 144 -13.01 -15.28 -21.95
CA VAL B 144 -12.84 -14.51 -20.70
C VAL B 144 -14.20 -13.87 -20.32
N ILE B 145 -14.58 -14.16 -19.09
CA ILE B 145 -15.74 -13.49 -18.50
C ILE B 145 -15.25 -12.21 -17.83
N GLY B 146 -15.85 -11.08 -18.20
CA GLY B 146 -15.60 -9.80 -17.56
C GLY B 146 -16.76 -9.37 -16.69
N VAL B 147 -16.42 -8.85 -15.52
CA VAL B 147 -17.44 -8.32 -14.57
C VAL B 147 -16.98 -6.95 -14.18
N LEU B 148 -17.82 -5.96 -14.40
CA LEU B 148 -17.56 -4.58 -14.00
C LEU B 148 -17.74 -4.44 -12.49
N MET B 149 -16.84 -3.68 -11.86
CA MET B 149 -16.85 -3.52 -10.41
C MET B 149 -17.10 -2.04 -10.07
N LYS B 150 -18.17 -1.79 -9.36
CA LYS B 150 -18.68 -0.42 -9.03
C LYS B 150 -18.33 -0.07 -7.59
N VAL B 151 -17.60 1.03 -7.40
CA VAL B 151 -17.14 1.39 -6.04
C VAL B 151 -18.38 1.68 -5.20
N GLY B 152 -18.38 1.13 -4.00
CA GLY B 152 -19.45 1.29 -3.00
C GLY B 152 -19.12 0.44 -1.79
N GLU B 153 -20.04 -0.40 -1.38
CA GLU B 153 -19.87 -1.25 -0.20
C GLU B 153 -18.76 -2.25 -0.46
N ALA B 154 -18.04 -2.60 0.61
CA ALA B 154 -17.04 -3.65 0.55
C ALA B 154 -17.70 -4.94 0.08
N ASN B 155 -16.95 -5.67 -0.74
CA ASN B 155 -17.42 -6.95 -1.27
C ASN B 155 -16.76 -8.05 -0.47
N PRO B 156 -17.48 -8.75 0.41
CA PRO B 156 -16.85 -9.75 1.27
C PRO B 156 -16.28 -10.94 0.49
N LYS B 157 -16.81 -11.18 -0.71
CA LYS B 157 -16.36 -12.33 -1.53
C LYS B 157 -14.91 -12.13 -1.94
N LEU B 158 -14.44 -10.89 -1.92
CA LEU B 158 -13.01 -10.59 -2.26
C LEU B 158 -12.03 -10.88 -1.12
N GLN B 159 -12.51 -11.19 0.07
CA GLN B 159 -11.68 -11.33 1.31
C GLN B 159 -10.51 -12.28 1.08
N LYS B 160 -10.72 -13.53 0.63
CA LYS B 160 -9.63 -14.54 0.56
C LYS B 160 -8.55 -13.99 -0.36
N VAL B 161 -8.93 -13.31 -1.44
CA VAL B 161 -7.97 -12.79 -2.42
C VAL B 161 -7.17 -11.69 -1.74
N LEU B 162 -7.83 -10.71 -1.17
CA LEU B 162 -7.16 -9.52 -0.62
C LEU B 162 -6.25 -9.95 0.55
N ASP B 163 -6.65 -10.98 1.28
CA ASP B 163 -5.87 -11.45 2.47
C ASP B 163 -4.56 -12.11 1.99
N ALA B 164 -4.53 -12.61 0.78
CA ALA B 164 -3.42 -13.38 0.21
C ALA B 164 -2.32 -12.43 -0.29
N LEU B 165 -2.65 -11.17 -0.55
CA LEU B 165 -1.74 -10.24 -1.23
C LEU B 165 -0.49 -9.94 -0.36
N GLN B 166 -0.60 -9.99 0.98
CA GLN B 166 0.55 -9.68 1.84
C GLN B 166 1.68 -10.69 1.55
N ALA B 167 1.40 -11.87 1.02
CA ALA B 167 2.45 -12.89 0.78
C ALA B 167 3.05 -12.71 -0.62
N ILE B 168 2.52 -11.81 -1.44
CA ILE B 168 3.02 -11.64 -2.83
C ILE B 168 3.28 -10.15 -3.13
N LYS B 169 3.92 -9.41 -2.21
CA LYS B 169 3.97 -7.95 -2.39
C LYS B 169 4.77 -7.53 -3.60
N THR B 170 5.84 -8.25 -3.95
CA THR B 170 6.79 -7.79 -5.00
C THR B 170 6.75 -8.73 -6.20
N LYS B 171 7.29 -8.23 -7.29
CA LYS B 171 7.28 -8.91 -8.57
C LYS B 171 7.95 -10.28 -8.47
N GLY B 172 7.25 -11.31 -8.90
CA GLY B 172 7.79 -12.65 -8.93
C GLY B 172 7.43 -13.47 -7.73
N LYS B 173 6.96 -12.83 -6.65
CA LYS B 173 6.54 -13.62 -5.46
C LYS B 173 5.26 -14.43 -5.81
N ARG B 174 5.14 -15.61 -5.17
CA ARG B 174 4.02 -16.54 -5.39
C ARG B 174 3.74 -17.30 -4.10
N ALA B 175 2.49 -17.72 -3.91
CA ALA B 175 2.09 -18.48 -2.73
C ALA B 175 0.99 -19.43 -3.14
N PRO B 176 0.85 -20.55 -2.41
CA PRO B 176 -0.29 -21.44 -2.61
C PRO B 176 -1.58 -20.64 -2.41
N PHE B 177 -2.58 -20.95 -3.21
CA PHE B 177 -3.96 -20.39 -3.10
C PHE B 177 -4.93 -21.51 -3.43
N THR B 178 -5.63 -22.06 -2.42
CA THR B 178 -6.29 -23.38 -2.60
C THR B 178 -7.78 -23.26 -2.20
N ASN B 179 -8.56 -24.23 -2.64
CA ASN B 179 -9.93 -24.40 -2.13
C ASN B 179 -10.71 -23.08 -2.37
N PHE B 180 -10.90 -22.70 -3.61
CA PHE B 180 -11.56 -21.43 -3.96
C PHE B 180 -12.26 -21.59 -5.30
N ASP B 181 -13.56 -21.29 -5.29
CA ASP B 181 -14.45 -21.31 -6.50
C ASP B 181 -14.68 -19.86 -6.92
N PRO B 182 -14.11 -19.40 -8.06
CA PRO B 182 -14.26 -17.99 -8.41
C PRO B 182 -15.64 -17.70 -8.96
N SER B 183 -16.50 -18.69 -9.20
CA SER B 183 -17.89 -18.35 -9.59
C SER B 183 -18.58 -17.61 -8.44
N THR B 184 -18.05 -17.67 -7.22
CA THR B 184 -18.58 -16.93 -6.06
C THR B 184 -18.38 -15.42 -6.22
N LEU B 185 -17.57 -14.99 -7.19
CA LEU B 185 -17.36 -13.55 -7.44
C LEU B 185 -18.32 -13.00 -8.46
N LEU B 186 -19.00 -13.88 -9.20
CA LEU B 186 -19.89 -13.44 -10.28
C LEU B 186 -21.15 -12.82 -9.70
N PRO B 187 -21.84 -11.99 -10.51
CA PRO B 187 -23.12 -11.49 -10.11
C PRO B 187 -24.18 -12.60 -10.10
N SER B 188 -25.32 -12.32 -9.44
CA SER B 188 -26.44 -13.29 -9.32
CA SER B 188 -26.38 -13.32 -9.32
C SER B 188 -26.97 -13.69 -10.69
N SER B 189 -27.20 -12.70 -11.55
CA SER B 189 -27.70 -12.89 -12.92
C SER B 189 -26.48 -12.97 -13.86
N LEU B 190 -26.48 -13.90 -14.82
CA LEU B 190 -25.42 -14.05 -15.82
C LEU B 190 -25.93 -13.65 -17.21
N ASP B 191 -26.88 -12.71 -17.31
CA ASP B 191 -27.14 -12.02 -18.60
C ASP B 191 -25.83 -11.42 -19.10
N PHE B 192 -25.54 -11.48 -20.38
CA PHE B 192 -24.24 -11.04 -20.90
C PHE B 192 -24.34 -10.44 -22.29
N TRP B 193 -23.28 -9.76 -22.66
CA TRP B 193 -22.88 -9.37 -24.02
C TRP B 193 -21.70 -10.24 -24.46
N THR B 194 -21.57 -10.45 -25.74
CA THR B 194 -20.37 -11.15 -26.26
C THR B 194 -19.87 -10.46 -27.52
N TYR B 195 -18.58 -10.53 -27.73
CA TYR B 195 -17.95 -10.01 -28.96
C TYR B 195 -16.60 -10.67 -29.11
N PRO B 196 -16.11 -10.76 -30.34
CA PRO B 196 -14.78 -11.34 -30.59
C PRO B 196 -13.71 -10.27 -30.39
N GLY B 197 -12.67 -10.61 -29.60
CA GLY B 197 -11.63 -9.64 -29.27
C GLY B 197 -10.30 -10.31 -28.95
N SER B 198 -9.58 -9.67 -28.04
CA SER B 198 -8.14 -9.92 -27.83
C SER B 198 -7.84 -10.03 -26.35
N LEU B 199 -6.62 -10.49 -26.07
CA LEU B 199 -6.03 -10.17 -24.76
C LEU B 199 -5.91 -8.64 -24.63
N THR B 200 -6.09 -8.10 -23.43
CA THR B 200 -6.06 -6.63 -23.27
C THR B 200 -4.66 -6.11 -22.91
N HIS B 201 -3.65 -6.98 -22.95
CA HIS B 201 -2.26 -6.50 -22.78
C HIS B 201 -1.43 -7.45 -23.60
N PRO B 202 -0.14 -7.10 -23.84
CA PRO B 202 0.77 -7.97 -24.61
C PRO B 202 0.69 -9.39 -24.05
N PRO B 203 0.65 -10.40 -24.93
CA PRO B 203 0.90 -10.27 -26.37
C PRO B 203 -0.29 -9.92 -27.28
N LEU B 204 -1.43 -9.54 -26.70
CA LEU B 204 -2.56 -8.87 -27.43
C LEU B 204 -3.13 -9.78 -28.51
N TYR B 205 -2.97 -11.10 -28.35
CA TYR B 205 -3.48 -12.05 -29.35
C TYR B 205 -5.01 -11.84 -29.50
N GLU B 206 -5.45 -11.94 -30.75
CA GLU B 206 -6.89 -11.84 -31.07
C GLU B 206 -7.49 -13.22 -31.00
N SER B 207 -7.55 -13.74 -29.78
CA SER B 207 -7.88 -15.15 -29.46
C SER B 207 -9.04 -15.26 -28.46
N VAL B 208 -9.64 -14.12 -28.07
CA VAL B 208 -10.57 -14.11 -26.92
C VAL B 208 -12.02 -13.88 -27.36
N THR B 209 -12.88 -14.83 -26.98
CA THR B 209 -14.33 -14.55 -27.02
C THR B 209 -14.68 -13.99 -25.67
N TRP B 210 -15.13 -12.76 -25.69
CA TRP B 210 -15.46 -12.01 -24.47
C TRP B 210 -16.92 -12.26 -24.07
N ILE B 211 -17.10 -12.47 -22.78
CA ILE B 211 -18.43 -12.59 -22.14
C ILE B 211 -18.47 -11.49 -21.10
N ILE B 212 -19.22 -10.41 -21.37
CA ILE B 212 -19.26 -9.27 -20.42
C ILE B 212 -20.61 -9.29 -19.68
N CYS B 213 -20.58 -9.52 -18.37
CA CYS B 213 -21.81 -9.56 -17.58
C CYS B 213 -22.53 -8.20 -17.60
N LYS B 214 -23.85 -8.27 -17.79
CA LYS B 214 -24.71 -7.07 -17.73
C LYS B 214 -24.67 -6.48 -16.33
N GLU B 215 -24.65 -7.33 -15.32
CA GLU B 215 -24.70 -6.89 -13.92
C GLU B 215 -23.28 -6.69 -13.35
N SER B 216 -23.13 -5.66 -12.57
CA SER B 216 -21.87 -5.32 -11.86
C SER B 216 -21.82 -5.98 -10.48
N ILE B 217 -20.63 -5.97 -9.88
CA ILE B 217 -20.48 -6.32 -8.45
C ILE B 217 -19.81 -5.13 -7.74
N SER B 218 -19.85 -5.15 -6.42
CA SER B 218 -19.32 -4.03 -5.60
CA SER B 218 -19.33 -4.05 -5.57
C SER B 218 -17.85 -4.22 -5.27
N VAL B 219 -17.21 -3.13 -4.88
CA VAL B 219 -15.87 -3.12 -4.30
C VAL B 219 -15.83 -1.83 -3.50
N SER B 220 -15.12 -1.84 -2.38
CA SER B 220 -14.91 -0.59 -1.62
C SER B 220 -13.68 0.17 -2.09
N SER B 221 -13.63 1.45 -1.72
CA SER B 221 -12.45 2.32 -1.96
C SER B 221 -11.22 1.71 -1.30
N GLU B 222 -11.37 1.08 -0.13
CA GLU B 222 -10.20 0.55 0.62
C GLU B 222 -9.77 -0.79 0.02
N GLN B 223 -10.68 -1.55 -0.57
CA GLN B 223 -10.28 -2.78 -1.25
C GLN B 223 -9.49 -2.41 -2.51
N LEU B 224 -9.88 -1.41 -3.26
CA LEU B 224 -9.11 -0.97 -4.43
C LEU B 224 -7.72 -0.48 -3.97
N ALA B 225 -7.63 0.19 -2.82
CA ALA B 225 -6.33 0.67 -2.35
C ALA B 225 -5.45 -0.55 -2.07
N GLN B 226 -5.99 -1.69 -1.64
CA GLN B 226 -5.17 -2.90 -1.42
C GLN B 226 -4.56 -3.33 -2.74
N PHE B 227 -5.32 -3.37 -3.81
CA PHE B 227 -4.74 -3.68 -5.13
C PHE B 227 -3.59 -2.75 -5.43
N ARG B 228 -3.78 -1.47 -5.22
CA ARG B 228 -2.76 -0.48 -5.62
C ARG B 228 -1.55 -0.53 -4.71
N SER B 229 -1.63 -1.20 -3.58
CA SER B 229 -0.53 -1.28 -2.61
C SER B 229 0.40 -2.44 -3.02
N LEU B 230 0.03 -3.23 -4.02
CA LEU B 230 0.96 -4.26 -4.55
C LEU B 230 2.12 -3.51 -5.21
N LEU B 231 3.29 -4.11 -5.24
CA LEU B 231 4.48 -3.45 -5.80
C LEU B 231 4.92 -4.15 -7.11
N SER B 232 5.26 -3.31 -8.05
CA SER B 232 5.70 -3.72 -9.40
C SER B 232 7.19 -4.05 -9.41
N ASN B 233 7.91 -3.64 -8.40
CA ASN B 233 9.36 -3.89 -8.32
C ASN B 233 9.66 -5.27 -7.72
N VAL B 234 10.90 -5.75 -7.93
CA VAL B 234 11.40 -6.95 -7.21
C VAL B 234 11.86 -6.57 -5.81
N GLU B 235 11.84 -7.57 -4.97
CA GLU B 235 12.26 -7.44 -3.58
C GLU B 235 13.61 -6.74 -3.49
N GLY B 236 13.66 -5.81 -2.61
CA GLY B 236 14.89 -5.11 -2.21
C GLY B 236 15.03 -3.78 -2.90
N ASP B 237 14.43 -3.66 -4.08
CA ASP B 237 14.45 -2.40 -4.86
C ASP B 237 13.46 -1.43 -4.20
N ASN B 238 13.53 -0.15 -4.53
CA ASN B 238 12.58 0.84 -3.95
C ASN B 238 11.16 0.51 -4.44
N ALA B 239 10.14 0.70 -3.58
CA ALA B 239 8.77 0.21 -3.74
C ALA B 239 8.08 1.12 -4.77
N VAL B 240 7.48 0.52 -5.79
CA VAL B 240 6.84 1.31 -6.88
C VAL B 240 5.44 0.69 -6.92
N PRO B 241 4.41 1.34 -6.32
CA PRO B 241 3.07 0.74 -6.26
C PRO B 241 2.52 0.50 -7.67
N MET B 242 1.66 -0.51 -7.78
CA MET B 242 0.88 -0.84 -9.01
C MET B 242 -0.38 0.03 -9.14
N GLN B 243 -0.24 1.26 -9.59
CA GLN B 243 -1.32 2.27 -9.48
C GLN B 243 -2.44 1.95 -10.47
N HIS B 244 -2.14 1.38 -11.60
CA HIS B 244 -3.14 1.14 -12.64
C HIS B 244 -2.68 0.11 -13.64
N ASN B 245 -3.66 -0.52 -14.29
CA ASN B 245 -3.31 -1.58 -15.31
C ASN B 245 -4.49 -1.78 -16.27
N ASN B 246 -5.22 -0.71 -16.57
CA ASN B 246 -6.38 -0.79 -17.51
C ASN B 246 -6.03 -0.15 -18.86
N ARG B 247 -6.27 -0.92 -19.92
CA ARG B 247 -6.11 -0.42 -21.29
C ARG B 247 -7.30 0.44 -21.68
N PRO B 248 -7.11 1.56 -22.41
CA PRO B 248 -8.25 2.23 -23.02
C PRO B 248 -9.04 1.35 -24.00
N THR B 249 -10.30 1.72 -24.18
CA THR B 249 -11.13 1.05 -25.20
C THR B 249 -10.62 1.34 -26.62
N GLN B 250 -10.78 0.32 -27.45
CA GLN B 250 -10.26 0.21 -28.83
C GLN B 250 -11.42 0.20 -29.81
N PRO B 251 -11.12 0.61 -31.06
CA PRO B 251 -12.15 0.74 -32.07
C PRO B 251 -12.82 -0.61 -32.35
N LEU B 252 -14.15 -0.60 -32.48
CA LEU B 252 -14.93 -1.83 -32.78
C LEU B 252 -14.61 -2.31 -34.21
N LYS B 253 -14.25 -1.42 -35.14
CA LYS B 253 -13.85 -1.81 -36.53
C LYS B 253 -14.94 -2.72 -37.12
N GLY B 254 -16.23 -2.42 -36.95
CA GLY B 254 -17.32 -3.18 -37.63
C GLY B 254 -17.77 -4.45 -36.91
N ARG B 255 -17.14 -4.84 -35.82
CA ARG B 255 -17.63 -5.97 -34.98
C ARG B 255 -19.00 -5.64 -34.42
N THR B 256 -19.73 -6.71 -34.11
CA THR B 256 -21.06 -6.68 -33.51
C THR B 256 -20.97 -7.17 -32.07
N VAL B 257 -21.48 -6.38 -31.16
CA VAL B 257 -21.68 -6.84 -29.76
C VAL B 257 -23.05 -7.50 -29.66
N ARG B 258 -23.09 -8.78 -29.33
CA ARG B 258 -24.35 -9.53 -29.24
C ARG B 258 -24.81 -9.56 -27.77
N ALA B 259 -26.10 -9.50 -27.58
CA ALA B 259 -26.76 -9.53 -26.25
C ALA B 259 -27.49 -10.86 -26.09
N SER B 260 -27.38 -11.43 -24.91
CA SER B 260 -28.12 -12.65 -24.52
C SER B 260 -29.56 -12.33 -24.11
N PHE B 261 -29.89 -11.07 -23.94
CA PHE B 261 -31.08 -10.58 -23.21
C PHE B 261 -31.70 -9.44 -24.01
S DMS C . -1.39 20.98 23.15
O DMS C . -1.30 22.49 23.37
C1 DMS C . -2.12 20.65 21.63
C2 DMS C . -2.58 20.51 24.49
ZN ZN D . 8.23 12.16 15.52
C U7M E . 1.92 13.54 20.53
O U7M E . 0.93 12.97 21.01
N U7M E . 2.96 12.87 19.97
O2 U7M E . 8.62 15.64 17.79
S U7M E . 8.15 14.29 17.69
O1 U7M E . 8.85 13.18 18.34
N1 U7M E . 7.93 13.97 16.15
C4 U7M E . 6.57 14.23 18.44
C3 U7M E . 5.45 14.52 17.73
C2 U7M E . 4.21 14.22 18.28
C5 U7M E . 6.50 13.64 19.69
C6 U7M E . 5.27 13.26 20.19
C1 U7M E . 4.14 13.53 19.49
N2 U7M E . 2.07 14.92 20.48
C7 U7M E . 1.40 15.94 21.03
C8 U7M E . 1.98 16.54 22.31
C9 U7M E . 0.98 17.54 22.84
C10 U7M E . 0.96 18.80 22.00
ZN ZN F . -7.56 -8.96 -17.82
C U7M G . -2.26 -15.05 -18.80
O U7M G . -1.64 -15.78 -18.04
N U7M G . -3.45 -14.52 -18.51
O2 U7M G . -7.30 -10.19 -21.80
S U7M G . -7.20 -10.50 -20.40
O1 U7M G . -8.32 -11.16 -19.76
N1 U7M G . -6.74 -9.21 -19.56
C4 U7M G . -5.92 -11.69 -20.22
C3 U7M G . -4.61 -11.31 -20.08
C2 U7M G . -3.71 -12.25 -19.61
C5 U7M G . -6.34 -12.98 -19.94
C6 U7M G . -5.43 -13.91 -19.50
C1 U7M G . -4.12 -13.53 -19.28
N2 U7M G . -1.74 -14.56 -19.95
C7 U7M G . -0.49 -15.13 -20.41
C8 U7M G . -0.80 -16.49 -21.06
C9 U7M G . -1.54 -16.44 -22.38
C10 U7M G . -0.68 -15.77 -23.33
#